data_6OCK
#
_entry.id   6OCK
#
_cell.length_a   73.690
_cell.length_b   79.480
_cell.length_c   103.840
_cell.angle_alpha   90.00
_cell.angle_beta   90.00
_cell.angle_gamma   90.00
#
_symmetry.space_group_name_H-M   'P 21 21 21'
#
loop_
_entity.id
_entity.type
_entity.pdbx_description
1 polymer 'Serum albumin'
2 non-polymer '(2S)-2-[3-(benzenecarbonyl)phenyl]propanoic acid'
3 non-polymer 'ACETATE ION'
4 non-polymer 'TRIETHYLENE GLYCOL'
5 non-polymer (20S)-2,5,8,11,14,17-HEXAMETHYL-3,6,9,12,15,18-HEXAOXAHENICOSANE-1,20-DIOL
6 non-polymer (2R)-2-{[(2R)-2-{[(2R)-2-hydroxypropyl]oxy}propyl]oxy}propan-1-ol
7 water water
#
_entity_poly.entity_id   1
_entity_poly.type   'polypeptide(L)'
_entity_poly.pdbx_seq_one_letter_code
;EAHKSEIAHRFNDVGEEHFIGLVLITFSQYLQKCPYEEHAKLVKEVTDLAKACVADESAANCDKSLHDIFGDKICALPSL
RDTYGDVADCCEKKEPERNECFLHHKDDKPDLPPFARPEADVLCKAFHDDEKAFFGHYLYEVARRHPYFYAPELLYYAQK
YKAILTECCEAADKGACLTPKLDALKEKALISAAQERLRCASIQKFGDRAYKAWALVRLSQRFPKADFTDISKIVTDLTK
VHKECCHGDLLECADDRADLAKYMCEHQETISSHLKECCDKPILEKAHCIYGLHNDETPAGLPAVAEEFVEDKDVCKNYE
EAKDLFLGKFLYEYSRRHPDYSVVLLLRLGKAYEATLKKCCATDDPHACYAKVLDEFQPLVDEPKNLVKQNCELYEQLGD
YNFQNALLVRYTKKVPQVSTPTLVEISRSLGKVGSKCCKHPEAERLPCVEDYLSVVLNRLCVLHEKTPVSEKVTKCCSES
LVDRRPCFSALGPDETYVPKEFNAETFTFHADICTLPETERKIKKQTALVELVKHKPHATNDQLKTVVGEFTALLDKCCS
AEDKEACFAVEGPKLVESSKATLG
;
_entity_poly.pdbx_strand_id   A
#
loop_
_chem_comp.id
_chem_comp.type
_chem_comp.name
_chem_comp.formula
2J3 non-polymer (2R)-2-{[(2R)-2-{[(2R)-2-hydroxypropyl]oxy}propyl]oxy}propan-1-ol 'C9 H20 O4'
9KL non-polymer '(2S)-2-[3-(benzenecarbonyl)phenyl]propanoic acid' 'C16 H14 O3'
ACT non-polymer 'ACETATE ION' 'C2 H3 O2 -1'
PGE non-polymer 'TRIETHYLENE GLYCOL' 'C6 H14 O4'
POG non-polymer (20S)-2,5,8,11,14,17-HEXAMETHYL-3,6,9,12,15,18-HEXAOXAHENICOSANE-1,20-DIOL 'C21 H44 O8'
#
# COMPACT_ATOMS: atom_id res chain seq x y z
N HIS A 3 -21.73 18.66 -20.85
CA HIS A 3 -21.64 17.78 -19.64
C HIS A 3 -22.29 18.44 -18.43
N LYS A 4 -23.55 18.82 -18.59
CA LYS A 4 -24.35 19.06 -17.40
C LYS A 4 -24.78 17.77 -16.67
N SER A 5 -24.77 16.61 -17.37
CA SER A 5 -25.04 15.31 -16.69
C SER A 5 -23.72 14.59 -16.48
N GLU A 6 -23.25 14.57 -15.24
CA GLU A 6 -21.98 13.88 -14.87
C GLU A 6 -21.97 12.40 -15.17
N ILE A 7 -23.05 11.73 -14.74
CA ILE A 7 -23.19 10.30 -14.93
C ILE A 7 -23.09 9.91 -16.41
N ALA A 8 -23.75 10.68 -17.29
CA ALA A 8 -23.62 10.53 -18.74
C ALA A 8 -22.25 10.90 -19.21
N HIS A 9 -21.68 11.99 -18.71
CA HIS A 9 -20.32 12.35 -19.15
C HIS A 9 -19.27 11.19 -18.86
N ARG A 10 -19.27 10.64 -17.65
CA ARG A 10 -18.36 9.53 -17.28
C ARG A 10 -18.68 8.26 -18.02
N PHE A 11 -19.97 7.89 -18.08
CA PHE A 11 -20.38 6.73 -18.91
C PHE A 11 -19.83 6.78 -20.34
N ASN A 12 -20.08 7.89 -21.03
CA ASN A 12 -19.54 8.12 -22.36
C ASN A 12 -18.05 8.12 -22.42
N ASP A 13 -17.38 8.81 -21.50
CA ASP A 13 -15.91 8.78 -21.45
C ASP A 13 -15.31 7.42 -21.16
N VAL A 14 -15.82 6.66 -20.16
CA VAL A 14 -15.06 5.38 -19.84
C VAL A 14 -15.61 4.14 -20.54
N GLY A 15 -16.87 4.22 -20.98
CA GLY A 15 -17.50 3.14 -21.78
C GLY A 15 -18.22 2.23 -20.78
N GLU A 16 -19.25 1.53 -21.23
CA GLU A 16 -20.01 0.64 -20.35
C GLU A 16 -19.22 -0.34 -19.46
N GLU A 17 -18.25 -1.05 -20.02
CA GLU A 17 -17.59 -2.14 -19.31
C GLU A 17 -16.81 -1.57 -18.07
N HIS A 18 -15.99 -0.52 -18.30
CA HIS A 18 -15.23 0.10 -17.22
C HIS A 18 -16.13 0.85 -16.32
N PHE A 19 -17.21 1.45 -16.86
CA PHE A 19 -18.15 2.15 -16.01
C PHE A 19 -18.73 1.15 -14.97
N ILE A 20 -19.19 0.00 -15.46
CA ILE A 20 -19.78 -1.01 -14.62
C ILE A 20 -18.72 -1.49 -13.56
N GLY A 21 -17.48 -1.74 -14.01
CA GLY A 21 -16.44 -2.18 -13.05
C GLY A 21 -16.14 -1.12 -12.01
N LEU A 22 -16.05 0.15 -12.45
CA LEU A 22 -15.72 1.24 -11.51
C LEU A 22 -16.82 1.48 -10.49
N VAL A 23 -18.07 1.32 -10.92
CA VAL A 23 -19.19 1.50 -10.04
C VAL A 23 -19.26 0.36 -9.04
N LEU A 24 -18.94 -0.84 -9.49
CA LEU A 24 -18.89 -2.02 -8.60
C LEU A 24 -17.81 -1.88 -7.50
N ILE A 25 -16.64 -1.45 -7.93
CA ILE A 25 -15.55 -1.18 -7.00
C ILE A 25 -16.00 -0.04 -6.06
N THR A 26 -16.69 1.00 -6.59
CA THR A 26 -17.09 2.14 -5.75
C THR A 26 -17.92 1.60 -4.58
N PHE A 27 -19.03 0.91 -4.91
CA PHE A 27 -19.90 0.32 -3.90
C PHE A 27 -19.27 -0.65 -2.94
N SER A 28 -18.46 -1.59 -3.48
CA SER A 28 -17.64 -2.57 -2.72
C SER A 28 -16.69 -1.92 -1.67
N GLN A 29 -16.06 -0.78 -2.01
CA GLN A 29 -15.25 -0.05 -1.05
C GLN A 29 -15.98 0.72 0.07
N TYR A 30 -17.15 1.24 -0.23
CA TYR A 30 -17.95 1.99 0.73
C TYR A 30 -18.65 0.98 1.64
N LEU A 31 -19.20 -0.11 1.07
CA LEU A 31 -20.05 -1.09 1.79
C LEU A 31 -19.43 -2.45 1.81
N GLN A 32 -18.44 -2.63 2.69
CA GLN A 32 -17.55 -3.78 2.55
C GLN A 32 -18.12 -5.08 3.05
N LYS A 33 -19.17 -4.99 3.84
CA LYS A 33 -19.80 -6.14 4.51
C LYS A 33 -20.98 -6.65 3.74
N CYS A 34 -21.62 -5.78 2.95
CA CYS A 34 -22.82 -6.16 2.19
C CYS A 34 -22.50 -7.35 1.26
N PRO A 35 -23.45 -8.32 1.08
CA PRO A 35 -23.20 -9.42 0.14
C PRO A 35 -23.17 -8.91 -1.29
N TYR A 36 -22.58 -9.73 -2.15
CA TYR A 36 -22.42 -9.51 -3.59
C TYR A 36 -23.72 -9.14 -4.31
N GLU A 37 -24.80 -9.88 -4.02
CA GLU A 37 -26.09 -9.69 -4.67
C GLU A 37 -26.53 -8.26 -4.56
N GLU A 38 -26.34 -7.66 -3.38
CA GLU A 38 -26.80 -6.26 -3.12
C GLU A 38 -26.03 -5.28 -3.95
N HIS A 39 -24.73 -5.47 -3.99
CA HIS A 39 -23.90 -4.63 -4.82
C HIS A 39 -24.20 -4.73 -6.32
N ALA A 40 -24.42 -5.96 -6.83
CA ALA A 40 -24.75 -6.11 -8.25
C ALA A 40 -26.09 -5.40 -8.62
N LYS A 41 -27.05 -5.43 -7.69
CA LYS A 41 -28.30 -4.68 -7.81
C LYS A 41 -28.03 -3.20 -7.93
N LEU A 42 -27.22 -2.66 -7.00
CA LEU A 42 -26.89 -1.20 -7.01
C LEU A 42 -26.21 -0.81 -8.30
N VAL A 43 -25.27 -1.66 -8.76
CA VAL A 43 -24.53 -1.43 -10.00
C VAL A 43 -25.49 -1.35 -11.22
N LYS A 44 -26.40 -2.29 -11.30
CA LYS A 44 -27.40 -2.29 -12.37
C LYS A 44 -28.32 -1.05 -12.28
N GLU A 45 -28.75 -0.69 -11.08
CA GLU A 45 -29.60 0.48 -10.87
C GLU A 45 -28.83 1.72 -11.33
N VAL A 46 -27.54 1.80 -11.00
CA VAL A 46 -26.75 3.00 -11.36
C VAL A 46 -26.50 3.01 -12.87
N THR A 47 -26.23 1.83 -13.40
CA THR A 47 -25.91 1.65 -14.81
C THR A 47 -27.16 1.94 -15.71
N ASP A 48 -28.32 1.53 -15.21
CA ASP A 48 -29.61 1.84 -15.88
C ASP A 48 -29.87 3.34 -15.91
N LEU A 49 -29.62 4.00 -14.77
CA LEU A 49 -29.72 5.47 -14.63
C LEU A 49 -28.76 6.16 -15.60
N ALA A 50 -27.48 5.71 -15.62
CA ALA A 50 -26.45 6.19 -16.57
C ALA A 50 -26.98 6.10 -17.95
N LYS A 51 -27.47 4.91 -18.33
CA LYS A 51 -28.03 4.67 -19.66
C LYS A 51 -29.26 5.57 -20.00
N ALA A 52 -30.14 5.79 -19.04
CA ALA A 52 -31.29 6.68 -19.26
C ALA A 52 -30.77 8.08 -19.57
N CYS A 53 -29.66 8.49 -18.93
CA CYS A 53 -29.15 9.86 -19.05
C CYS A 53 -28.38 10.10 -20.30
N VAL A 54 -27.67 9.06 -20.73
CA VAL A 54 -26.98 9.11 -22.01
C VAL A 54 -28.02 9.27 -23.14
N ALA A 55 -29.16 8.56 -23.02
CA ALA A 55 -30.27 8.67 -24.02
C ALA A 55 -30.78 10.11 -24.06
N ASP A 56 -31.00 10.65 -22.87
CA ASP A 56 -31.72 11.90 -22.70
C ASP A 56 -31.21 12.47 -21.41
N GLU A 57 -30.35 13.47 -21.56
CA GLU A 57 -29.72 14.19 -20.46
C GLU A 57 -30.66 14.95 -19.56
N SER A 58 -31.88 15.16 -20.08
CA SER A 58 -32.93 15.88 -19.37
C SER A 58 -33.70 14.96 -18.42
N ALA A 59 -33.52 13.63 -18.57
CA ALA A 59 -34.18 12.61 -17.69
C ALA A 59 -33.99 12.84 -16.16
N ALA A 60 -34.86 12.25 -15.32
CA ALA A 60 -34.80 12.51 -13.88
C ALA A 60 -33.48 11.98 -13.31
N ASN A 61 -32.92 12.74 -12.35
CA ASN A 61 -31.64 12.46 -11.65
C ASN A 61 -30.40 12.62 -12.49
N CYS A 62 -30.57 12.94 -13.77
CA CYS A 62 -29.42 13.15 -14.64
C CYS A 62 -28.57 14.33 -14.21
N ASP A 63 -29.18 15.31 -13.54
CA ASP A 63 -28.38 16.44 -13.06
C ASP A 63 -27.75 16.27 -11.66
N LYS A 64 -27.94 15.13 -11.00
CA LYS A 64 -27.36 15.01 -9.65
C LYS A 64 -25.84 14.86 -9.74
N SER A 65 -25.14 15.21 -8.66
CA SER A 65 -23.71 14.87 -8.52
C SER A 65 -23.61 13.34 -8.39
N LEU A 66 -22.44 12.81 -8.73
CA LEU A 66 -22.20 11.37 -8.54
C LEU A 66 -22.34 10.97 -7.09
N HIS A 67 -21.98 11.86 -6.16
CA HIS A 67 -22.13 11.56 -4.73
C HIS A 67 -23.62 11.50 -4.42
N ASP A 68 -24.42 12.39 -4.99
CA ASP A 68 -25.86 12.34 -4.71
C ASP A 68 -26.42 10.98 -5.15
N ILE A 69 -26.02 10.57 -6.35
CA ILE A 69 -26.56 9.38 -7.05
C ILE A 69 -26.21 8.10 -6.28
N PHE A 70 -24.91 7.90 -6.01
CA PHE A 70 -24.43 6.80 -5.13
C PHE A 70 -25.13 6.79 -3.79
N GLY A 71 -25.21 7.97 -3.16
CA GLY A 71 -25.91 8.18 -1.89
C GLY A 71 -27.38 7.81 -1.89
N ASP A 72 -28.11 8.28 -2.90
CA ASP A 72 -29.56 8.00 -3.07
C ASP A 72 -29.86 6.55 -3.42
N LYS A 73 -28.91 5.88 -4.07
CA LYS A 73 -29.05 4.44 -4.32
C LYS A 73 -28.74 3.67 -3.05
N ILE A 74 -27.69 4.06 -2.31
CA ILE A 74 -27.28 3.41 -1.04
C ILE A 74 -28.40 3.44 0.00
N CYS A 75 -28.93 4.63 0.27
CA CYS A 75 -29.96 4.80 1.31
C CYS A 75 -31.28 4.06 0.96
N ALA A 76 -31.70 4.14 -0.30
CA ALA A 76 -32.98 3.50 -0.71
C ALA A 76 -32.91 1.98 -0.52
N LEU A 77 -31.69 1.45 -0.31
CA LEU A 77 -31.49 -0.01 -0.20
C LEU A 77 -31.97 -0.48 1.18
N PRO A 78 -32.78 -1.56 1.21
CA PRO A 78 -33.39 -2.15 2.43
C PRO A 78 -32.46 -2.47 3.62
N SER A 79 -31.31 -3.08 3.34
CA SER A 79 -30.53 -3.78 4.36
C SER A 79 -29.67 -2.98 5.36
N LEU A 80 -29.07 -1.87 4.91
CA LEU A 80 -27.85 -1.24 5.53
C LEU A 80 -27.78 -1.07 7.08
N ARG A 81 -28.88 -0.62 7.68
CA ARG A 81 -28.95 -0.31 9.12
C ARG A 81 -28.81 -1.55 10.00
N ASP A 82 -29.30 -2.68 9.50
CA ASP A 82 -29.18 -3.98 10.15
C ASP A 82 -27.77 -4.57 9.97
N THR A 83 -27.26 -4.50 8.75
CA THR A 83 -25.89 -4.92 8.41
C THR A 83 -24.84 -4.10 9.18
N TYR A 84 -25.06 -2.79 9.29
CA TYR A 84 -24.09 -1.85 9.89
C TYR A 84 -24.72 -1.01 10.98
N GLY A 85 -23.95 -0.82 12.05
CA GLY A 85 -24.34 0.08 13.13
C GLY A 85 -24.26 1.57 12.76
N ASP A 86 -23.11 1.97 12.21
CA ASP A 86 -22.75 3.41 12.02
C ASP A 86 -22.71 3.90 10.57
N VAL A 87 -23.08 3.01 9.65
CA VAL A 87 -23.33 3.35 8.25
C VAL A 87 -24.87 3.52 8.05
N ALA A 88 -25.62 3.09 9.07
CA ALA A 88 -26.99 3.55 9.32
C ALA A 88 -26.95 5.08 9.55
N ASP A 89 -25.93 5.49 10.33
CA ASP A 89 -25.68 6.87 10.74
C ASP A 89 -25.56 7.88 9.60
N CYS A 90 -24.86 7.47 8.51
CA CYS A 90 -24.46 8.38 7.43
C CYS A 90 -25.56 9.00 6.59
N CYS A 91 -26.54 8.16 6.21
CA CYS A 91 -27.72 8.61 5.47
C CYS A 91 -28.54 9.62 6.31
N GLU A 92 -28.19 9.76 7.59
CA GLU A 92 -28.71 10.83 8.46
C GLU A 92 -27.95 12.14 8.27
N LYS A 93 -27.22 12.25 7.16
CA LYS A 93 -26.60 13.51 6.75
C LYS A 93 -27.01 13.88 5.33
N LYS A 94 -26.74 15.15 4.95
CA LYS A 94 -26.88 15.53 3.55
C LYS A 94 -25.49 15.78 2.97
N GLU A 95 -25.39 15.82 1.62
CA GLU A 95 -24.19 16.21 0.88
C GLU A 95 -23.72 17.62 1.21
N PRO A 96 -22.40 17.85 1.39
CA PRO A 96 -21.38 16.80 1.28
C PRO A 96 -21.17 15.90 2.52
N GLU A 97 -21.77 16.23 3.68
CA GLU A 97 -21.54 15.42 4.91
C GLU A 97 -21.82 13.91 4.71
N ARG A 98 -22.94 13.58 4.06
CA ARG A 98 -23.32 12.19 3.74
C ARG A 98 -22.17 11.43 3.09
N ASN A 99 -21.67 11.95 1.95
CA ASN A 99 -20.56 11.30 1.25
C ASN A 99 -19.31 11.15 2.12
N GLU A 100 -18.94 12.23 2.83
CA GLU A 100 -17.76 12.25 3.72
C GLU A 100 -17.79 11.18 4.82
N CYS A 101 -19.01 10.77 5.16
CA CYS A 101 -19.32 9.90 6.27
C CYS A 101 -18.99 8.49 5.83
N PHE A 102 -19.68 8.05 4.76
CA PHE A 102 -19.32 6.80 4.01
C PHE A 102 -17.81 6.60 3.88
N LEU A 103 -17.09 7.65 3.45
CA LEU A 103 -15.61 7.60 3.36
CA LEU A 103 -15.62 7.66 3.39
C LEU A 103 -14.93 7.26 4.69
N HIS A 104 -15.32 7.90 5.79
CA HIS A 104 -14.64 7.66 7.10
C HIS A 104 -14.87 6.27 7.67
N HIS A 105 -15.95 5.63 7.23
CA HIS A 105 -16.21 4.23 7.60
C HIS A 105 -15.47 3.16 6.82
N LYS A 106 -14.75 3.53 5.74
CA LYS A 106 -13.89 2.55 5.09
C LYS A 106 -13.01 1.85 6.13
N ASP A 107 -12.96 0.53 6.06
CA ASP A 107 -12.26 -0.25 7.05
C ASP A 107 -11.00 -0.85 6.41
N ASP A 108 -9.82 -0.50 6.95
CA ASP A 108 -8.57 -1.12 6.51
C ASP A 108 -8.33 -2.61 6.80
N LYS A 109 -9.09 -3.20 7.69
CA LYS A 109 -9.00 -4.62 7.87
C LYS A 109 -10.38 -5.14 8.25
N PRO A 110 -11.21 -5.34 7.24
CA PRO A 110 -12.56 -5.70 7.52
C PRO A 110 -12.59 -7.14 8.03
N ASP A 111 -13.57 -7.46 8.86
CA ASP A 111 -13.61 -8.77 9.50
C ASP A 111 -14.21 -9.80 8.49
N LEU A 112 -13.35 -10.41 7.67
CA LEU A 112 -13.76 -11.31 6.57
C LEU A 112 -12.80 -12.46 6.50
N PRO A 113 -13.28 -13.62 6.02
CA PRO A 113 -12.32 -14.72 5.96
C PRO A 113 -11.30 -14.49 4.84
N PRO A 114 -10.16 -15.19 4.88
CA PRO A 114 -9.21 -14.98 3.79
C PRO A 114 -9.83 -15.24 2.43
N PHE A 115 -9.37 -14.47 1.44
CA PHE A 115 -9.74 -14.60 0.00
C PHE A 115 -9.58 -16.09 -0.37
N ALA A 116 -10.72 -16.77 -0.58
CA ALA A 116 -10.74 -18.18 -0.95
C ALA A 116 -10.18 -18.37 -2.36
N ARG A 117 -9.18 -19.25 -2.43
CA ARG A 117 -8.60 -19.70 -3.68
C ARG A 117 -9.12 -21.09 -3.94
N PRO A 118 -10.28 -21.23 -4.62
CA PRO A 118 -10.71 -22.62 -4.89
C PRO A 118 -9.66 -23.42 -5.72
N GLU A 119 -9.82 -24.74 -5.74
CA GLU A 119 -9.02 -25.68 -6.54
C GLU A 119 -8.91 -25.31 -8.02
N ALA A 120 -7.77 -25.61 -8.64
CA ALA A 120 -7.46 -25.27 -10.04
C ALA A 120 -8.52 -25.57 -11.12
N ASP A 121 -9.08 -26.79 -11.09
CA ASP A 121 -10.13 -27.22 -12.04
C ASP A 121 -11.46 -26.52 -11.75
N VAL A 122 -11.75 -26.39 -10.46
CA VAL A 122 -12.91 -25.64 -9.98
C VAL A 122 -12.82 -24.19 -10.47
N LEU A 123 -11.64 -23.60 -10.33
CA LEU A 123 -11.44 -22.19 -10.64
C LEU A 123 -11.58 -21.99 -12.13
N CYS A 124 -10.93 -22.86 -12.90
CA CYS A 124 -11.01 -22.85 -14.36
C CYS A 124 -12.44 -23.09 -14.83
N LYS A 125 -13.22 -23.80 -14.02
CA LYS A 125 -14.61 -24.13 -14.43
C LYS A 125 -15.60 -22.96 -14.29
N ALA A 126 -15.58 -22.34 -13.11
CA ALA A 126 -16.20 -21.04 -12.86
C ALA A 126 -15.89 -20.02 -13.96
N PHE A 127 -14.61 -19.89 -14.32
CA PHE A 127 -14.17 -18.98 -15.38
C PHE A 127 -14.86 -19.23 -16.74
N HIS A 128 -14.85 -20.47 -17.22
CA HIS A 128 -15.55 -20.85 -18.49
C HIS A 128 -17.06 -20.73 -18.44
N ASP A 129 -17.63 -21.00 -17.28
CA ASP A 129 -19.06 -20.93 -17.07
C ASP A 129 -19.58 -19.56 -17.36
N ASP A 130 -19.00 -18.53 -16.76
CA ASP A 130 -19.67 -17.23 -16.79
C ASP A 130 -18.60 -16.17 -16.44
N GLU A 131 -17.95 -15.61 -17.45
CA GLU A 131 -16.84 -14.69 -17.21
C GLU A 131 -17.28 -13.50 -16.45
N LYS A 132 -18.44 -12.98 -16.81
CA LYS A 132 -18.90 -11.74 -16.17
C LYS A 132 -19.12 -11.93 -14.72
N ALA A 133 -19.70 -13.05 -14.34
CA ALA A 133 -20.01 -13.24 -12.95
C ALA A 133 -18.70 -13.51 -12.19
N PHE A 134 -17.78 -14.19 -12.88
CA PHE A 134 -16.50 -14.54 -12.31
C PHE A 134 -15.71 -13.24 -12.00
N PHE A 135 -15.65 -12.34 -12.97
CA PHE A 135 -14.85 -11.08 -12.67
C PHE A 135 -15.58 -10.09 -11.77
N GLY A 136 -16.91 -10.10 -11.81
CA GLY A 136 -17.68 -9.26 -10.86
C GLY A 136 -17.33 -9.68 -9.42
N HIS A 137 -17.28 -11.00 -9.18
CA HIS A 137 -17.00 -11.53 -7.84
C HIS A 137 -15.61 -11.18 -7.48
N TYR A 138 -14.71 -11.27 -8.46
CA TYR A 138 -13.31 -10.94 -8.21
C TYR A 138 -13.13 -9.46 -7.80
N LEU A 139 -13.70 -8.54 -8.56
CA LEU A 139 -13.51 -7.10 -8.23
C LEU A 139 -14.14 -6.81 -6.90
N TYR A 140 -15.33 -7.39 -6.66
CA TYR A 140 -15.94 -7.26 -5.31
C TYR A 140 -15.06 -7.79 -4.17
N GLU A 141 -14.57 -9.02 -4.29
CA GLU A 141 -13.79 -9.60 -3.17
C GLU A 141 -12.49 -8.86 -2.91
N VAL A 142 -11.81 -8.36 -3.93
CA VAL A 142 -10.58 -7.61 -3.72
C VAL A 142 -10.89 -6.21 -3.19
N ALA A 143 -11.83 -5.55 -3.84
CA ALA A 143 -12.10 -4.12 -3.50
C ALA A 143 -12.60 -4.01 -2.05
N ARG A 144 -13.44 -4.94 -1.62
CA ARG A 144 -13.99 -4.87 -0.24
C ARG A 144 -12.89 -5.10 0.80
N ARG A 145 -11.86 -5.86 0.44
CA ARG A 145 -10.76 -6.13 1.34
C ARG A 145 -9.65 -5.09 1.25
N HIS A 146 -9.68 -4.23 0.22
CA HIS A 146 -8.67 -3.17 -0.02
C HIS A 146 -9.38 -1.88 -0.45
N PRO A 147 -10.01 -1.18 0.54
CA PRO A 147 -11.01 -0.17 0.20
C PRO A 147 -10.35 1.10 -0.37
N TYR A 148 -9.00 1.13 -0.45
CA TYR A 148 -8.33 2.18 -1.23
C TYR A 148 -7.58 1.70 -2.45
N PHE A 149 -7.79 0.47 -2.92
CA PHE A 149 -7.08 -0.01 -4.09
C PHE A 149 -7.28 0.94 -5.29
N TYR A 150 -6.18 1.29 -5.96
CA TYR A 150 -6.16 2.21 -7.15
C TYR A 150 -7.16 1.62 -8.14
N ALA A 151 -8.31 2.28 -8.32
CA ALA A 151 -9.35 1.53 -9.03
C ALA A 151 -8.99 1.16 -10.50
N PRO A 152 -8.39 2.06 -11.32
CA PRO A 152 -8.07 1.72 -12.71
C PRO A 152 -7.10 0.52 -12.72
N GLU A 153 -6.16 0.50 -11.78
CA GLU A 153 -5.22 -0.65 -11.68
C GLU A 153 -5.93 -1.97 -11.29
N LEU A 154 -7.04 -1.87 -10.53
CA LEU A 154 -7.79 -3.12 -10.14
C LEU A 154 -8.41 -3.63 -11.41
N LEU A 155 -8.89 -2.75 -12.25
CA LEU A 155 -9.39 -3.21 -13.55
C LEU A 155 -8.33 -3.91 -14.38
N TYR A 156 -7.13 -3.34 -14.38
CA TYR A 156 -5.98 -3.96 -15.03
C TYR A 156 -5.71 -5.36 -14.49
N TYR A 157 -5.64 -5.49 -13.18
CA TYR A 157 -5.45 -6.83 -12.53
C TYR A 157 -6.55 -7.83 -12.95
N ALA A 158 -7.83 -7.43 -12.97
CA ALA A 158 -8.87 -8.36 -13.51
C ALA A 158 -8.51 -8.85 -14.96
N GLN A 159 -8.04 -7.92 -15.79
CA GLN A 159 -7.65 -8.26 -17.19
C GLN A 159 -6.45 -9.23 -17.17
N LYS A 160 -5.42 -8.92 -16.39
CA LYS A 160 -4.31 -9.85 -16.24
C LYS A 160 -4.73 -11.25 -15.77
N TYR A 161 -5.62 -11.29 -14.78
CA TYR A 161 -6.17 -12.51 -14.23
C TYR A 161 -6.85 -13.29 -15.36
N LYS A 162 -7.59 -12.58 -16.19
CA LYS A 162 -8.20 -13.22 -17.34
C LYS A 162 -7.16 -13.80 -18.31
N ALA A 163 -6.07 -13.05 -18.56
CA ALA A 163 -4.92 -13.52 -19.38
C ALA A 163 -4.35 -14.83 -18.83
N ILE A 164 -4.02 -14.84 -17.54
CA ILE A 164 -3.55 -16.04 -16.84
C ILE A 164 -4.52 -17.22 -16.94
N LEU A 165 -5.82 -16.96 -16.82
CA LEU A 165 -6.79 -18.09 -16.84
C LEU A 165 -6.90 -18.67 -18.22
N THR A 166 -7.02 -17.79 -19.21
CA THR A 166 -7.12 -18.14 -20.63
C THR A 166 -5.98 -19.09 -21.10
N GLU A 167 -4.75 -18.80 -20.65
CA GLU A 167 -3.58 -19.60 -20.89
C GLU A 167 -3.64 -20.95 -20.17
N CYS A 168 -3.69 -20.91 -18.85
CA CYS A 168 -3.61 -22.11 -17.99
C CYS A 168 -4.79 -23.14 -18.06
N CYS A 169 -6.04 -22.66 -18.17
CA CYS A 169 -7.24 -23.52 -18.00
C CYS A 169 -7.42 -24.69 -18.99
N GLU A 170 -6.93 -24.44 -20.21
CA GLU A 170 -6.86 -25.39 -21.31
C GLU A 170 -5.67 -26.38 -21.27
N ALA A 171 -4.57 -26.01 -20.60
CA ALA A 171 -3.33 -26.80 -20.63
C ALA A 171 -3.50 -28.14 -19.93
N ALA A 172 -2.51 -29.04 -20.06
CA ALA A 172 -2.66 -30.41 -19.48
C ALA A 172 -2.75 -30.42 -17.95
N ASP A 173 -1.69 -30.00 -17.23
CA ASP A 173 -1.85 -29.74 -15.81
C ASP A 173 -2.36 -28.29 -15.67
N LYS A 174 -3.35 -28.09 -14.79
CA LYS A 174 -3.95 -26.76 -14.54
C LYS A 174 -3.14 -26.03 -13.49
N GLY A 175 -3.18 -26.57 -12.26
CA GLY A 175 -2.55 -26.02 -11.07
C GLY A 175 -1.09 -25.65 -11.28
N ALA A 176 -0.32 -26.59 -11.83
CA ALA A 176 1.08 -26.37 -12.22
C ALA A 176 1.33 -25.14 -13.12
N CYS A 177 0.43 -24.91 -14.08
CA CYS A 177 0.49 -23.69 -14.90
C CYS A 177 -0.01 -22.47 -14.06
N LEU A 178 -1.20 -22.60 -13.48
CA LEU A 178 -1.87 -21.54 -12.71
C LEU A 178 -1.11 -20.90 -11.58
N THR A 179 -0.85 -21.70 -10.54
CA THR A 179 -0.42 -21.16 -9.22
C THR A 179 0.83 -20.28 -9.26
N PRO A 180 1.97 -20.62 -9.88
CA PRO A 180 3.12 -19.67 -9.86
C PRO A 180 2.77 -18.28 -10.44
N LYS A 181 1.79 -18.27 -11.34
CA LYS A 181 1.33 -17.06 -12.00
C LYS A 181 0.33 -16.28 -11.12
N LEU A 182 -0.64 -16.99 -10.55
CA LEU A 182 -1.59 -16.40 -9.61
C LEU A 182 -0.95 -15.90 -8.29
N ASP A 183 0.20 -16.46 -7.92
CA ASP A 183 0.92 -15.97 -6.72
C ASP A 183 1.80 -14.79 -7.04
N ALA A 184 2.31 -14.78 -8.28
CA ALA A 184 3.06 -13.65 -8.77
C ALA A 184 2.07 -12.48 -8.82
N LEU A 185 0.88 -12.74 -9.35
CA LEU A 185 -0.13 -11.71 -9.56
C LEU A 185 -0.63 -11.18 -8.22
N LYS A 186 -0.95 -12.08 -7.30
CA LYS A 186 -1.40 -11.69 -5.96
C LYS A 186 -0.38 -10.80 -5.27
N GLU A 187 0.90 -11.20 -5.27
CA GLU A 187 2.00 -10.41 -4.68
C GLU A 187 2.19 -9.07 -5.37
N LYS A 188 2.13 -9.03 -6.69
CA LYS A 188 2.11 -7.70 -7.36
C LYS A 188 0.92 -6.81 -7.03
N ALA A 189 -0.26 -7.39 -6.87
CA ALA A 189 -1.45 -6.59 -6.54
C ALA A 189 -1.39 -6.14 -5.08
N LEU A 190 -0.89 -7.01 -4.17
CA LEU A 190 -0.73 -6.55 -2.78
C LEU A 190 0.22 -5.40 -2.65
N ILE A 191 1.32 -5.45 -3.38
CA ILE A 191 2.27 -4.35 -3.37
C ILE A 191 1.57 -3.09 -3.98
N SER A 192 0.83 -3.28 -5.06
CA SER A 192 0.05 -2.16 -5.59
C SER A 192 -0.91 -1.52 -4.57
N ALA A 193 -1.68 -2.33 -3.86
CA ALA A 193 -2.61 -1.83 -2.83
C ALA A 193 -1.84 -1.04 -1.73
N ALA A 194 -0.69 -1.58 -1.29
CA ALA A 194 0.10 -0.93 -0.21
C ALA A 194 0.71 0.43 -0.69
N GLN A 195 1.12 0.45 -1.95
CA GLN A 195 1.57 1.75 -2.56
CA GLN A 195 1.62 1.77 -2.58
C GLN A 195 0.54 2.92 -2.69
N GLU A 196 -0.65 2.46 -3.13
CA GLU A 196 -1.79 3.36 -3.20
C GLU A 196 -2.23 3.72 -1.80
N ARG A 197 -2.18 2.80 -0.84
CA ARG A 197 -2.61 3.13 0.55
C ARG A 197 -1.70 4.25 1.08
N LEU A 198 -0.41 4.19 0.75
CA LEU A 198 0.56 5.25 1.12
C LEU A 198 0.23 6.56 0.41
N ARG A 199 -0.12 6.51 -0.88
CA ARG A 199 -0.46 7.77 -1.58
C ARG A 199 -1.68 8.41 -0.89
N CYS A 200 -2.67 7.60 -0.51
CA CYS A 200 -3.92 8.19 0.08
C CYS A 200 -3.65 8.70 1.47
N ALA A 201 -2.84 7.95 2.22
CA ALA A 201 -2.52 8.44 3.56
C ALA A 201 -1.69 9.73 3.47
N SER A 202 -0.75 9.78 2.53
CA SER A 202 0.04 11.05 2.38
C SER A 202 -0.90 12.22 2.11
N ILE A 203 -1.77 12.06 1.14
CA ILE A 203 -2.69 13.19 0.77
C ILE A 203 -3.57 13.54 1.97
N GLN A 204 -4.18 12.51 2.53
CA GLN A 204 -5.20 12.69 3.56
C GLN A 204 -4.64 13.15 4.91
N LYS A 205 -3.48 12.66 5.37
CA LYS A 205 -2.94 12.94 6.70
CA LYS A 205 -2.99 12.99 6.69
C LYS A 205 -1.97 14.10 6.63
N PHE A 206 -1.26 14.24 5.52
CA PHE A 206 -0.18 15.22 5.42
C PHE A 206 -0.39 16.31 4.42
N GLY A 207 -1.42 16.19 3.59
CA GLY A 207 -1.78 17.25 2.62
C GLY A 207 -1.32 16.91 1.20
N ASP A 208 -1.94 17.55 0.18
CA ASP A 208 -1.60 17.28 -1.23
C ASP A 208 -0.16 17.43 -1.47
N ARG A 209 0.45 18.47 -0.86
CA ARG A 209 1.90 18.69 -1.07
C ARG A 209 2.83 17.51 -0.69
N ALA A 210 2.42 16.69 0.26
CA ALA A 210 3.24 15.50 0.69
C ALA A 210 3.29 14.51 -0.45
N TYR A 211 2.17 14.29 -1.12
CA TYR A 211 2.16 13.40 -2.24
C TYR A 211 2.83 14.11 -3.48
N LYS A 212 2.56 15.39 -3.71
CA LYS A 212 3.22 16.08 -4.87
C LYS A 212 4.75 16.01 -4.81
N ALA A 213 5.35 16.19 -3.63
CA ALA A 213 6.82 16.07 -3.51
C ALA A 213 7.37 14.69 -3.80
N TRP A 214 6.63 13.70 -3.34
CA TRP A 214 6.93 12.26 -3.59
C TRP A 214 6.81 11.96 -5.10
N ALA A 215 5.75 12.44 -5.77
CA ALA A 215 5.55 12.22 -7.21
C ALA A 215 6.62 12.98 -8.01
N LEU A 216 6.85 14.25 -7.65
CA LEU A 216 7.95 15.01 -8.28
C LEU A 216 9.29 14.24 -8.28
N VAL A 217 9.70 13.71 -7.12
CA VAL A 217 10.90 12.96 -7.02
C VAL A 217 10.87 11.73 -7.92
N ARG A 218 9.82 10.89 -7.77
CA ARG A 218 9.77 9.66 -8.56
C ARG A 218 9.73 9.89 -10.08
N LEU A 219 8.90 10.84 -10.54
CA LEU A 219 8.78 11.13 -11.94
C LEU A 219 10.07 11.79 -12.49
N SER A 220 10.75 12.53 -11.65
CA SER A 220 12.06 13.13 -12.06
C SER A 220 13.10 12.08 -12.36
N GLN A 221 13.03 11.01 -11.56
CA GLN A 221 13.95 9.88 -11.71
C GLN A 221 13.56 9.03 -12.93
N ARG A 222 12.26 8.84 -13.15
CA ARG A 222 11.75 8.05 -14.32
C ARG A 222 11.95 8.77 -15.66
N PHE A 223 11.70 10.09 -15.71
CA PHE A 223 11.74 10.85 -16.93
C PHE A 223 12.77 12.00 -16.84
N PRO A 224 14.06 11.67 -16.53
CA PRO A 224 15.02 12.78 -16.30
C PRO A 224 15.26 13.73 -17.48
N LYS A 225 14.95 13.33 -18.71
CA LYS A 225 15.15 14.24 -19.88
C LYS A 225 14.04 15.23 -20.03
N ALA A 226 12.89 15.01 -19.34
CA ALA A 226 11.78 15.95 -19.38
C ALA A 226 12.15 17.21 -18.63
N ASP A 227 11.62 18.34 -19.08
CA ASP A 227 11.90 19.61 -18.42
CA ASP A 227 11.88 19.61 -18.43
C ASP A 227 11.02 19.76 -17.18
N PHE A 228 11.47 20.59 -16.26
CA PHE A 228 10.78 20.78 -15.01
C PHE A 228 9.31 21.15 -15.23
N THR A 229 9.03 22.00 -16.20
CA THR A 229 7.62 22.38 -16.52
C THR A 229 6.71 21.19 -16.82
N ASP A 230 7.19 20.29 -17.67
CA ASP A 230 6.41 19.08 -18.01
C ASP A 230 6.27 18.07 -16.90
N ILE A 231 7.34 17.83 -16.16
CA ILE A 231 7.25 16.94 -15.03
C ILE A 231 6.25 17.56 -14.01
N SER A 232 6.29 18.89 -13.83
CA SER A 232 5.35 19.57 -13.00
C SER A 232 3.90 19.41 -13.39
N LYS A 233 3.60 19.56 -14.67
CA LYS A 233 2.25 19.35 -15.20
C LYS A 233 1.78 17.90 -14.93
N ILE A 234 2.68 16.94 -15.14
CA ILE A 234 2.30 15.55 -14.85
C ILE A 234 2.00 15.32 -13.36
N VAL A 235 2.85 15.85 -12.48
CA VAL A 235 2.64 15.79 -11.02
C VAL A 235 1.26 16.38 -10.64
N THR A 236 0.96 17.58 -11.17
CA THR A 236 -0.32 18.20 -10.95
C THR A 236 -1.51 17.28 -11.31
N ASP A 237 -1.48 16.71 -12.51
CA ASP A 237 -2.54 15.85 -13.02
C ASP A 237 -2.63 14.56 -12.26
N LEU A 238 -1.48 13.99 -11.92
CA LEU A 238 -1.42 12.75 -11.11
C LEU A 238 -1.97 13.01 -9.71
N THR A 239 -1.67 14.17 -9.12
CA THR A 239 -2.16 14.50 -7.77
C THR A 239 -3.70 14.57 -7.76
N LYS A 240 -4.28 15.12 -8.83
CA LYS A 240 -5.71 15.20 -9.00
C LYS A 240 -6.34 13.79 -9.12
N VAL A 241 -5.70 12.96 -9.95
CA VAL A 241 -6.14 11.55 -10.16
C VAL A 241 -6.16 10.83 -8.81
N HIS A 242 -5.06 10.86 -8.06
CA HIS A 242 -5.00 10.18 -6.77
C HIS A 242 -5.90 10.79 -5.69
N LYS A 243 -5.97 12.12 -5.65
CA LYS A 243 -6.98 12.72 -4.73
C LYS A 243 -8.39 12.18 -5.03
N GLU A 244 -8.74 12.07 -6.31
CA GLU A 244 -10.10 11.59 -6.66
C GLU A 244 -10.26 10.11 -6.27
N CYS A 245 -9.34 9.26 -6.70
CA CYS A 245 -9.41 7.81 -6.38
C CYS A 245 -9.39 7.59 -4.88
N CYS A 246 -8.56 8.34 -4.14
CA CYS A 246 -8.43 8.13 -2.68
C CYS A 246 -9.71 8.57 -1.95
N HIS A 247 -10.48 9.45 -2.59
CA HIS A 247 -11.70 9.95 -1.99
C HIS A 247 -12.94 9.17 -2.48
N GLY A 248 -12.75 8.10 -3.28
CA GLY A 248 -13.82 7.33 -3.84
C GLY A 248 -14.49 7.91 -5.07
N ASP A 249 -13.89 8.92 -5.70
CA ASP A 249 -14.42 9.47 -6.97
C ASP A 249 -13.76 8.67 -8.10
N LEU A 250 -14.09 7.37 -8.16
CA LEU A 250 -13.46 6.39 -9.08
C LEU A 250 -13.71 6.69 -10.56
N LEU A 251 -14.92 7.06 -10.96
CA LEU A 251 -15.16 7.34 -12.39
C LEU A 251 -14.32 8.54 -12.82
N GLU A 252 -14.30 9.60 -12.01
CA GLU A 252 -13.49 10.80 -12.35
C GLU A 252 -12.01 10.43 -12.36
N CYS A 253 -11.59 9.62 -11.40
CA CYS A 253 -10.18 9.19 -11.28
C CYS A 253 -9.76 8.41 -12.54
N ALA A 254 -10.59 7.47 -12.98
CA ALA A 254 -10.27 6.66 -14.18
C ALA A 254 -10.23 7.52 -15.44
N ASP A 255 -11.19 8.43 -15.58
CA ASP A 255 -11.28 9.32 -16.77
C ASP A 255 -10.05 10.22 -16.82
N ASP A 256 -9.70 10.83 -15.69
CA ASP A 256 -8.54 11.74 -15.59
C ASP A 256 -7.24 10.96 -15.83
N ARG A 257 -7.15 9.74 -15.30
CA ARG A 257 -5.92 8.93 -15.49
C ARG A 257 -5.78 8.58 -16.98
N ALA A 258 -6.89 8.22 -17.62
CA ALA A 258 -6.84 7.87 -19.07
C ALA A 258 -6.46 9.17 -19.84
N ASP A 259 -6.99 10.31 -19.43
CA ASP A 259 -6.61 11.59 -20.13
C ASP A 259 -5.16 11.91 -19.92
N LEU A 260 -4.61 11.55 -18.73
CA LEU A 260 -3.19 11.76 -18.55
C LEU A 260 -2.31 10.83 -19.38
N ALA A 261 -2.70 9.56 -19.42
CA ALA A 261 -1.91 8.61 -20.22
C ALA A 261 -1.87 9.10 -21.67
N LYS A 262 -3.02 9.59 -22.16
CA LYS A 262 -3.16 10.07 -23.55
C LYS A 262 -2.27 11.30 -23.76
N TYR A 263 -2.29 12.21 -22.79
CA TYR A 263 -1.39 13.38 -22.84
C TYR A 263 0.09 12.97 -22.92
N MET A 264 0.51 12.04 -22.08
CA MET A 264 1.92 11.62 -21.98
C MET A 264 2.35 10.95 -23.30
N CYS A 265 1.46 10.13 -23.86
CA CYS A 265 1.70 9.50 -25.19
C CYS A 265 1.83 10.51 -26.34
N GLU A 266 0.96 11.52 -26.36
CA GLU A 266 0.97 12.56 -27.39
C GLU A 266 2.20 13.48 -27.29
N HIS A 267 2.87 13.45 -26.14
CA HIS A 267 4.11 14.21 -25.83
C HIS A 267 5.36 13.36 -25.53
N GLN A 268 5.32 12.10 -25.92
CA GLN A 268 6.38 11.17 -25.53
C GLN A 268 7.81 11.57 -25.97
N GLU A 269 7.96 12.16 -27.19
CA GLU A 269 9.28 12.63 -27.70
C GLU A 269 10.04 13.49 -26.68
N THR A 270 9.32 14.42 -26.05
CA THR A 270 9.89 15.28 -25.03
C THR A 270 9.84 14.76 -23.59
N ILE A 271 9.31 13.55 -23.37
CA ILE A 271 9.28 12.97 -21.99
C ILE A 271 10.21 11.78 -21.85
N SER A 272 10.04 10.75 -22.70
CA SER A 272 10.89 9.56 -22.59
C SER A 272 10.71 8.75 -23.85
N SER A 273 11.85 8.24 -24.35
CA SER A 273 11.81 7.30 -25.49
C SER A 273 11.25 5.97 -25.04
N HIS A 274 11.31 5.71 -23.73
CA HIS A 274 10.77 4.46 -23.17
C HIS A 274 9.23 4.36 -23.23
N LEU A 275 8.57 5.51 -23.43
CA LEU A 275 7.13 5.56 -23.58
C LEU A 275 6.55 4.76 -24.77
N LYS A 276 7.33 4.58 -25.84
CA LYS A 276 6.80 3.89 -27.04
CA LYS A 276 6.80 3.89 -27.03
C LYS A 276 6.25 2.48 -26.77
N GLU A 277 6.92 1.72 -25.88
CA GLU A 277 6.40 0.42 -25.36
C GLU A 277 4.92 0.54 -24.90
N CYS A 278 4.60 1.61 -24.20
CA CYS A 278 3.37 1.69 -23.49
C CYS A 278 2.33 2.24 -24.39
N CYS A 279 2.72 3.24 -25.14
CA CYS A 279 1.79 4.06 -25.91
C CYS A 279 1.10 3.33 -27.11
N ASP A 280 1.67 2.16 -27.46
CA ASP A 280 1.08 1.21 -28.43
C ASP A 280 0.05 0.26 -27.87
N LYS A 281 -0.06 0.19 -26.55
CA LYS A 281 -1.01 -0.71 -25.89
C LYS A 281 -2.45 -0.19 -25.71
N PRO A 282 -3.44 -1.11 -25.52
CA PRO A 282 -4.83 -0.70 -25.09
C PRO A 282 -4.83 0.02 -23.74
N ILE A 283 -5.88 0.81 -23.42
CA ILE A 283 -5.77 1.79 -22.35
C ILE A 283 -5.30 1.32 -20.97
N LEU A 284 -5.81 0.19 -20.46
CA LEU A 284 -5.38 -0.22 -19.09
C LEU A 284 -3.90 -0.70 -19.08
N GLU A 285 -3.50 -1.45 -20.12
CA GLU A 285 -2.14 -1.92 -20.23
CA GLU A 285 -2.15 -1.91 -20.18
C GLU A 285 -1.23 -0.72 -20.44
N LYS A 286 -1.73 0.27 -21.21
CA LYS A 286 -0.94 1.48 -21.50
C LYS A 286 -0.67 2.28 -20.22
N ALA A 287 -1.69 2.49 -19.39
CA ALA A 287 -1.46 3.27 -18.18
C ALA A 287 -0.66 2.49 -17.14
N HIS A 288 -0.95 1.18 -17.04
CA HIS A 288 -0.16 0.31 -16.19
C HIS A 288 1.27 0.36 -16.56
N CYS A 289 1.56 0.22 -17.88
CA CYS A 289 2.92 0.25 -18.36
C CYS A 289 3.55 1.55 -17.95
N ILE A 290 2.85 2.68 -18.09
CA ILE A 290 3.45 4.01 -17.75
C ILE A 290 3.70 4.12 -16.22
N TYR A 291 2.74 3.62 -15.45
CA TYR A 291 2.73 3.62 -13.93
C TYR A 291 4.03 3.00 -13.38
N GLY A 292 4.56 2.00 -14.07
CA GLY A 292 5.72 1.24 -13.59
C GLY A 292 6.90 1.34 -14.53
N LEU A 293 6.95 2.35 -15.40
CA LEU A 293 7.98 2.32 -16.43
C LEU A 293 9.38 2.42 -15.84
N HIS A 294 10.32 1.70 -16.42
CA HIS A 294 11.72 1.77 -15.94
C HIS A 294 12.29 3.14 -16.31
N ASN A 295 13.28 3.57 -15.53
CA ASN A 295 13.92 4.87 -15.62
C ASN A 295 14.60 5.09 -16.97
N ASP A 296 14.46 6.28 -17.53
CA ASP A 296 15.24 6.63 -18.71
C ASP A 296 16.64 6.85 -18.21
N GLU A 297 17.60 6.85 -19.13
CA GLU A 297 18.98 7.20 -18.79
CA GLU A 297 18.97 7.18 -18.78
C GLU A 297 19.08 8.70 -18.54
N THR A 298 20.00 9.10 -17.67
CA THR A 298 20.24 10.53 -17.34
C THR A 298 20.80 11.27 -18.57
N PRO A 299 20.24 12.44 -18.94
CA PRO A 299 20.83 13.22 -20.04
C PRO A 299 22.31 13.54 -19.77
N ALA A 300 23.19 13.30 -20.75
CA ALA A 300 24.60 13.76 -20.67
C ALA A 300 24.69 15.31 -20.59
N GLY A 301 25.76 15.86 -20.00
CA GLY A 301 25.99 17.31 -20.09
C GLY A 301 25.24 18.24 -19.12
N LEU A 302 24.67 17.67 -18.06
CA LEU A 302 23.98 18.48 -17.02
C LEU A 302 24.99 19.17 -16.10
N PRO A 303 24.79 20.46 -15.78
CA PRO A 303 25.79 21.16 -14.90
C PRO A 303 25.93 20.50 -13.53
N ALA A 304 26.99 20.85 -12.79
CA ALA A 304 27.11 20.46 -11.37
C ALA A 304 25.94 21.03 -10.51
N VAL A 305 25.27 20.15 -9.76
CA VAL A 305 24.10 20.58 -8.94
C VAL A 305 24.44 21.76 -7.92
N ALA A 306 25.63 21.76 -7.31
CA ALA A 306 26.19 23.00 -6.58
C ALA A 306 26.08 24.36 -7.24
N GLU A 307 26.11 24.41 -8.57
CA GLU A 307 26.15 25.71 -9.26
C GLU A 307 24.76 26.43 -9.11
N GLU A 308 23.63 25.73 -9.30
CA GLU A 308 22.29 26.39 -9.13
C GLU A 308 21.92 26.51 -7.67
N PHE A 309 22.32 25.52 -6.87
CA PHE A 309 21.85 25.38 -5.48
C PHE A 309 22.82 25.75 -4.37
N VAL A 310 24.08 26.00 -4.74
CA VAL A 310 25.00 26.46 -3.67
C VAL A 310 25.74 27.77 -4.13
N GLU A 311 26.29 27.78 -5.35
CA GLU A 311 27.06 28.94 -5.89
C GLU A 311 26.22 30.17 -6.30
N ASP A 312 25.11 30.00 -7.01
CA ASP A 312 24.27 31.10 -7.51
C ASP A 312 24.05 32.12 -6.34
N LYS A 313 24.41 33.39 -6.60
CA LYS A 313 24.15 34.45 -5.64
C LYS A 313 22.69 34.49 -5.14
N ASP A 314 21.75 34.03 -5.98
CA ASP A 314 20.31 34.20 -5.71
C ASP A 314 19.64 33.01 -4.96
N VAL A 315 20.44 32.13 -4.33
CA VAL A 315 19.94 30.97 -3.58
C VAL A 315 18.94 31.39 -2.51
N CYS A 316 19.36 32.30 -1.62
CA CYS A 316 18.48 32.79 -0.57
C CYS A 316 17.29 33.60 -1.12
N LYS A 317 17.53 34.53 -2.05
CA LYS A 317 16.44 35.22 -2.75
C LYS A 317 15.40 34.25 -3.35
N ASN A 318 15.87 33.21 -4.01
CA ASN A 318 14.97 32.31 -4.70
C ASN A 318 14.10 31.52 -3.68
N TYR A 319 14.73 31.08 -2.62
CA TYR A 319 14.15 30.30 -1.56
C TYR A 319 13.12 31.14 -0.80
N GLU A 320 13.46 32.38 -0.54
CA GLU A 320 12.58 33.28 0.19
C GLU A 320 11.40 33.81 -0.66
N GLU A 321 11.64 34.08 -1.95
CA GLU A 321 10.63 34.69 -2.83
CA GLU A 321 10.64 34.71 -2.81
C GLU A 321 9.72 33.70 -3.53
N ALA A 322 10.16 32.46 -3.72
CA ALA A 322 9.43 31.43 -4.48
C ALA A 322 9.81 30.04 -3.98
N LYS A 323 9.44 29.76 -2.72
CA LYS A 323 10.00 28.60 -2.04
C LYS A 323 9.70 27.29 -2.72
N ASP A 324 8.44 27.05 -3.04
CA ASP A 324 8.04 25.77 -3.60
C ASP A 324 8.63 25.59 -5.00
N LEU A 325 8.65 26.67 -5.76
CA LEU A 325 9.21 26.57 -7.10
C LEU A 325 10.69 26.21 -6.97
N PHE A 326 11.42 26.87 -6.06
CA PHE A 326 12.87 26.64 -5.91
C PHE A 326 13.22 25.30 -5.27
N LEU A 327 12.48 24.91 -4.21
CA LEU A 327 12.69 23.59 -3.63
C LEU A 327 12.17 22.49 -4.55
N GLY A 328 11.09 22.74 -5.31
CA GLY A 328 10.66 21.74 -6.33
C GLY A 328 11.79 21.58 -7.36
N LYS A 329 12.38 22.71 -7.78
CA LYS A 329 13.45 22.62 -8.81
C LYS A 329 14.62 21.85 -8.18
N PHE A 330 14.91 22.07 -6.88
CA PHE A 330 15.93 21.28 -6.21
C PHE A 330 15.65 19.79 -6.25
N LEU A 331 14.42 19.39 -5.89
CA LEU A 331 14.09 17.95 -5.89
C LEU A 331 14.23 17.35 -7.33
N TYR A 332 13.75 18.11 -8.35
CA TYR A 332 13.75 17.68 -9.77
C TYR A 332 15.19 17.51 -10.19
N GLU A 333 16.03 18.49 -9.87
CA GLU A 333 17.45 18.44 -10.33
C GLU A 333 18.25 17.40 -9.62
N TYR A 334 18.10 17.31 -8.28
CA TYR A 334 18.83 16.26 -7.55
C TYR A 334 18.35 14.84 -7.86
N SER A 335 17.02 14.68 -8.03
CA SER A 335 16.47 13.32 -8.23
C SER A 335 16.81 12.82 -9.64
N ARG A 336 16.73 13.70 -10.63
CA ARG A 336 17.03 13.26 -12.03
C ARG A 336 18.49 12.77 -12.10
N ARG A 337 19.36 13.38 -11.30
CA ARG A 337 20.78 13.03 -11.24
C ARG A 337 20.98 11.75 -10.39
N HIS A 338 19.94 11.28 -9.72
CA HIS A 338 20.12 10.13 -8.81
C HIS A 338 19.04 9.05 -8.94
N PRO A 339 18.98 8.31 -10.05
CA PRO A 339 18.01 7.23 -10.25
C PRO A 339 18.14 6.10 -9.19
N ASP A 340 19.25 6.04 -8.45
CA ASP A 340 19.54 4.92 -7.49
C ASP A 340 19.40 5.25 -6.01
N TYR A 341 18.74 6.39 -5.74
CA TYR A 341 18.37 6.76 -4.41
C TYR A 341 16.89 6.33 -4.27
N SER A 342 16.48 5.99 -3.06
CA SER A 342 15.06 5.68 -2.74
C SER A 342 14.36 7.04 -2.85
N VAL A 343 13.06 7.08 -3.15
CA VAL A 343 12.35 8.36 -3.11
C VAL A 343 12.44 9.00 -1.73
N VAL A 344 12.28 8.17 -0.70
CA VAL A 344 12.26 8.73 0.67
C VAL A 344 13.60 9.39 1.06
N LEU A 345 14.71 8.78 0.63
CA LEU A 345 16.00 9.42 0.95
C LEU A 345 16.05 10.77 0.23
N LEU A 346 15.62 10.82 -1.01
CA LEU A 346 15.72 12.10 -1.78
C LEU A 346 14.87 13.16 -1.12
N LEU A 347 13.72 12.74 -0.57
CA LEU A 347 12.90 13.69 0.18
C LEU A 347 13.58 14.08 1.48
N ARG A 348 14.28 13.15 2.15
CA ARG A 348 14.97 13.52 3.43
C ARG A 348 16.11 14.52 3.09
N LEU A 349 16.78 14.31 1.98
CA LEU A 349 17.82 15.31 1.55
C LEU A 349 17.24 16.62 1.18
N GLY A 350 16.10 16.61 0.52
CA GLY A 350 15.33 17.87 0.24
C GLY A 350 15.01 18.61 1.54
N LYS A 351 14.52 17.85 2.53
CA LYS A 351 14.26 18.44 3.86
C LYS A 351 15.52 19.06 4.57
N ALA A 352 16.67 18.36 4.48
CA ALA A 352 17.93 18.88 5.10
C ALA A 352 18.41 20.14 4.39
N TYR A 353 18.27 20.19 3.05
CA TYR A 353 18.65 21.33 2.23
C TYR A 353 17.75 22.50 2.62
N GLU A 354 16.43 22.29 2.61
CA GLU A 354 15.52 23.30 3.12
C GLU A 354 15.89 23.80 4.51
N ALA A 355 16.17 22.89 5.46
CA ALA A 355 16.40 23.30 6.85
C ALA A 355 17.70 24.09 6.90
N THR A 356 18.66 23.72 6.04
CA THR A 356 19.92 24.51 6.00
C THR A 356 19.68 25.92 5.47
N LEU A 357 18.94 26.05 4.38
CA LEU A 357 18.56 27.39 3.93
C LEU A 357 17.81 28.24 4.98
N LYS A 358 16.89 27.62 5.71
CA LYS A 358 16.12 28.32 6.71
C LYS A 358 17.04 28.91 7.78
N LYS A 359 17.95 28.09 8.30
CA LYS A 359 19.04 28.52 9.26
C LYS A 359 19.97 29.57 8.60
N CYS A 360 20.54 29.21 7.45
CA CYS A 360 21.65 29.98 6.82
C CYS A 360 21.24 31.29 6.22
N CYS A 361 20.08 31.33 5.56
CA CYS A 361 19.56 32.58 5.00
C CYS A 361 19.20 33.69 6.03
N ALA A 362 19.03 33.31 7.31
CA ALA A 362 18.81 34.32 8.40
C ALA A 362 20.10 34.81 9.02
N THR A 363 21.24 34.42 8.48
CA THR A 363 22.52 34.96 8.93
C THR A 363 23.02 36.09 8.02
N ASP A 364 24.11 36.71 8.52
CA ASP A 364 24.93 37.73 7.86
CA ASP A 364 24.78 37.75 7.75
C ASP A 364 25.68 37.24 6.62
N ASP A 365 25.98 35.93 6.59
CA ASP A 365 26.80 35.37 5.49
C ASP A 365 26.24 34.02 5.03
N PRO A 366 25.16 34.03 4.19
CA PRO A 366 24.48 32.72 3.97
C PRO A 366 25.38 31.73 3.29
N HIS A 367 26.12 32.16 2.28
CA HIS A 367 27.04 31.26 1.60
C HIS A 367 28.06 30.65 2.55
N ALA A 368 28.66 31.43 3.43
CA ALA A 368 29.57 30.84 4.45
C ALA A 368 28.87 29.73 5.23
N CYS A 369 27.60 29.96 5.56
CA CYS A 369 26.83 29.02 6.38
C CYS A 369 26.45 27.73 5.62
N TYR A 370 25.99 27.88 4.39
CA TYR A 370 25.52 26.70 3.66
C TYR A 370 26.47 26.14 2.59
N ALA A 371 27.70 26.66 2.48
CA ALA A 371 28.69 26.16 1.45
C ALA A 371 28.86 24.63 1.37
N LYS A 372 28.80 23.97 2.53
CA LYS A 372 28.96 22.52 2.66
C LYS A 372 27.62 21.73 2.73
N VAL A 373 26.50 22.40 2.43
CA VAL A 373 25.15 21.74 2.53
C VAL A 373 25.17 20.39 1.78
N LEU A 374 25.61 20.41 0.50
CA LEU A 374 25.55 19.18 -0.33
C LEU A 374 26.50 18.08 0.18
N ASP A 375 27.62 18.44 0.82
CA ASP A 375 28.52 17.45 1.44
C ASP A 375 27.89 16.84 2.67
N GLU A 376 27.06 17.60 3.34
CA GLU A 376 26.43 17.19 4.59
C GLU A 376 25.32 16.14 4.39
N PHE A 377 25.00 15.82 3.13
CA PHE A 377 24.06 14.75 2.78
C PHE A 377 24.65 13.37 3.08
N GLN A 378 26.00 13.21 2.98
CA GLN A 378 26.58 11.87 2.92
C GLN A 378 26.17 10.95 4.10
N PRO A 379 26.19 11.48 5.35
CA PRO A 379 25.76 10.71 6.51
C PRO A 379 24.31 10.21 6.40
N LEU A 380 23.43 11.03 5.79
CA LEU A 380 22.06 10.59 5.58
C LEU A 380 22.04 9.50 4.53
N VAL A 381 22.89 9.63 3.52
CA VAL A 381 22.97 8.65 2.45
C VAL A 381 23.47 7.36 3.07
N ASP A 382 24.50 7.48 3.93
CA ASP A 382 25.15 6.27 4.48
C ASP A 382 24.35 5.55 5.57
N GLU A 383 23.47 6.26 6.28
CA GLU A 383 22.65 5.63 7.37
C GLU A 383 21.81 4.47 6.88
N PRO A 384 20.99 4.64 5.82
CA PRO A 384 20.22 3.43 5.42
C PRO A 384 21.06 2.29 4.86
N LYS A 385 22.38 2.49 4.70
CA LYS A 385 23.22 1.49 4.04
C LYS A 385 23.59 0.41 5.00
N ASN A 386 24.00 0.82 6.19
CA ASN A 386 24.39 -0.11 7.19
C ASN A 386 23.23 -1.04 7.62
N LEU A 387 22.02 -0.46 7.69
CA LEU A 387 20.80 -1.23 8.06
C LEU A 387 20.47 -2.28 6.98
N VAL A 388 20.47 -1.89 5.71
CA VAL A 388 20.28 -2.80 4.59
C VAL A 388 21.27 -3.94 4.46
N LYS A 389 22.55 -3.66 4.67
CA LYS A 389 23.51 -4.69 4.60
C LYS A 389 23.37 -5.72 5.76
N GLN A 390 23.12 -5.26 6.99
CA GLN A 390 23.03 -6.15 8.15
C GLN A 390 21.77 -7.01 8.06
N ASN A 391 20.68 -6.40 7.58
CA ASN A 391 19.40 -7.11 7.53
C ASN A 391 19.37 -8.06 6.35
N CYS A 392 19.93 -7.64 5.19
CA CYS A 392 20.00 -8.59 4.07
C CYS A 392 20.92 -9.76 4.36
N GLU A 393 22.02 -9.62 5.12
CA GLU A 393 22.81 -10.83 5.42
CA GLU A 393 22.86 -10.79 5.47
C GLU A 393 22.03 -11.69 6.39
N LEU A 394 21.29 -11.07 7.36
CA LEU A 394 20.46 -11.90 8.27
C LEU A 394 19.36 -12.67 7.45
N TYR A 395 18.71 -11.99 6.48
CA TYR A 395 17.71 -12.63 5.56
C TYR A 395 18.37 -13.82 4.84
N GLU A 396 19.55 -13.55 4.25
CA GLU A 396 20.30 -14.63 3.50
C GLU A 396 20.56 -15.84 4.34
N GLN A 397 21.02 -15.58 5.56
CA GLN A 397 21.35 -16.65 6.55
C GLN A 397 20.13 -17.41 7.09
N LEU A 398 19.01 -16.72 7.37
CA LEU A 398 17.90 -17.39 8.13
C LEU A 398 16.86 -17.95 7.20
N GLY A 399 16.69 -17.31 6.03
CA GLY A 399 15.65 -17.75 5.10
C GLY A 399 14.30 -17.10 5.53
N ASP A 400 13.24 -17.26 4.72
CA ASP A 400 12.00 -16.42 4.89
C ASP A 400 11.39 -16.67 6.25
N TYR A 401 11.22 -17.93 6.61
CA TYR A 401 10.47 -18.24 7.84
C TYR A 401 11.15 -17.72 9.10
N ASN A 402 12.43 -18.05 9.25
CA ASN A 402 13.14 -17.56 10.42
C ASN A 402 13.46 -16.07 10.45
N PHE A 403 13.60 -15.48 9.26
CA PHE A 403 13.80 -14.06 9.19
C PHE A 403 12.54 -13.32 9.66
N GLN A 404 11.39 -13.82 9.20
CA GLN A 404 10.08 -13.32 9.71
C GLN A 404 10.02 -13.49 11.20
N ASN A 405 10.38 -14.66 11.73
CA ASN A 405 10.42 -14.82 13.17
C ASN A 405 11.30 -13.91 13.92
N ALA A 406 12.50 -13.71 13.42
CA ALA A 406 13.39 -12.75 14.02
C ALA A 406 12.75 -11.35 14.08
N LEU A 407 12.14 -10.90 12.99
CA LEU A 407 11.54 -9.55 12.96
C LEU A 407 10.33 -9.46 13.84
N LEU A 408 9.63 -10.59 13.98
CA LEU A 408 8.42 -10.68 14.84
C LEU A 408 8.82 -10.44 16.30
N VAL A 409 9.89 -11.07 16.75
CA VAL A 409 10.38 -10.90 18.10
C VAL A 409 10.89 -9.48 18.27
N ARG A 410 11.64 -8.96 17.29
CA ARG A 410 12.16 -7.61 17.40
C ARG A 410 11.02 -6.59 17.46
N TYR A 411 10.05 -6.66 16.54
CA TYR A 411 8.94 -5.68 16.58
C TYR A 411 8.02 -5.84 17.80
N THR A 412 7.74 -7.05 18.22
CA THR A 412 6.87 -7.23 19.40
C THR A 412 7.60 -6.61 20.60
N LYS A 413 8.92 -6.78 20.76
CA LYS A 413 9.61 -6.13 21.89
C LYS A 413 9.63 -4.59 21.77
N LYS A 414 9.68 -4.03 20.55
CA LYS A 414 9.68 -2.55 20.28
C LYS A 414 8.35 -1.95 20.63
N VAL A 415 7.25 -2.59 20.20
CA VAL A 415 5.88 -1.94 20.27
C VAL A 415 4.88 -3.08 20.71
N PRO A 416 5.07 -3.57 21.95
CA PRO A 416 4.35 -4.76 22.39
C PRO A 416 2.85 -4.49 22.63
N GLN A 417 2.46 -3.22 22.61
CA GLN A 417 1.02 -2.88 22.80
C GLN A 417 0.24 -3.12 21.49
N VAL A 418 0.94 -3.17 20.35
CA VAL A 418 0.31 -3.43 19.04
C VAL A 418 -0.41 -4.75 19.07
N SER A 419 -1.62 -4.84 18.48
CA SER A 419 -2.36 -6.10 18.44
C SER A 419 -1.58 -7.22 17.73
N THR A 420 -1.73 -8.43 18.24
CA THR A 420 -0.99 -9.56 17.70
C THR A 420 -1.20 -9.74 16.18
N PRO A 421 -2.48 -9.71 15.69
CA PRO A 421 -2.56 -9.84 14.22
C PRO A 421 -1.79 -8.81 13.43
N THR A 422 -1.69 -7.60 13.98
CA THR A 422 -0.99 -6.56 13.17
C THR A 422 0.49 -6.83 13.17
N LEU A 423 0.99 -7.20 14.33
CA LEU A 423 2.42 -7.54 14.49
C LEU A 423 2.77 -8.70 13.58
N VAL A 424 1.91 -9.70 13.51
CA VAL A 424 2.18 -10.84 12.67
C VAL A 424 2.23 -10.42 11.18
N GLU A 425 1.21 -9.64 10.78
CA GLU A 425 1.08 -9.22 9.36
C GLU A 425 2.26 -8.35 8.95
N ILE A 426 2.61 -7.35 9.76
CA ILE A 426 3.75 -6.49 9.50
C ILE A 426 5.07 -7.19 9.46
N SER A 427 5.38 -8.05 10.43
CA SER A 427 6.59 -8.80 10.36
C SER A 427 6.72 -9.73 9.16
N ARG A 428 5.59 -10.34 8.75
CA ARG A 428 5.55 -11.18 7.53
C ARG A 428 5.78 -10.28 6.29
N SER A 429 5.21 -9.08 6.26
CA SER A 429 5.46 -8.17 5.10
C SER A 429 6.93 -7.74 5.05
N LEU A 430 7.53 -7.42 6.20
CA LEU A 430 8.91 -7.00 6.32
C LEU A 430 9.86 -8.06 5.89
N GLY A 431 9.48 -9.32 6.14
CA GLY A 431 10.07 -10.46 5.52
C GLY A 431 10.01 -10.55 4.01
N LYS A 432 8.87 -10.20 3.40
CA LYS A 432 8.84 -10.21 1.95
CA LYS A 432 8.72 -10.10 1.94
C LYS A 432 9.74 -9.14 1.32
N VAL A 433 10.08 -8.10 2.06
CA VAL A 433 11.00 -7.04 1.51
C VAL A 433 12.38 -7.72 1.27
N GLY A 434 12.74 -8.65 2.16
CA GLY A 434 14.00 -9.41 2.06
C GLY A 434 14.00 -10.24 0.80
N SER A 435 12.91 -10.94 0.60
CA SER A 435 12.83 -11.83 -0.58
C SER A 435 12.82 -11.01 -1.91
N LYS A 436 12.16 -9.83 -1.92
CA LYS A 436 12.05 -9.01 -3.08
C LYS A 436 13.37 -8.25 -3.39
N CYS A 437 14.06 -7.78 -2.35
CA CYS A 437 15.12 -6.77 -2.48
C CYS A 437 16.55 -7.27 -2.33
N CYS A 438 16.75 -8.29 -1.47
CA CYS A 438 18.10 -8.62 -1.07
C CYS A 438 18.90 -9.21 -2.22
N LYS A 439 18.20 -9.82 -3.16
CA LYS A 439 18.81 -10.40 -4.38
C LYS A 439 19.34 -9.42 -5.41
N HIS A 440 18.81 -8.18 -5.48
CA HIS A 440 19.31 -7.20 -6.45
C HIS A 440 20.75 -6.77 -6.17
N PRO A 441 21.53 -6.34 -7.23
CA PRO A 441 22.86 -5.75 -6.99
C PRO A 441 22.76 -4.66 -5.92
N GLU A 442 23.80 -4.52 -5.11
CA GLU A 442 23.85 -3.57 -4.00
C GLU A 442 23.27 -2.20 -4.29
N ALA A 443 23.54 -1.65 -5.48
CA ALA A 443 23.01 -0.31 -5.81
C ALA A 443 21.51 -0.20 -6.03
N GLU A 444 20.87 -1.32 -6.30
CA GLU A 444 19.40 -1.34 -6.44
C GLU A 444 18.76 -1.76 -5.14
N ARG A 445 19.52 -2.36 -4.25
CA ARG A 445 19.02 -2.76 -2.93
C ARG A 445 18.45 -1.66 -2.05
N LEU A 446 19.23 -0.55 -1.89
CA LEU A 446 18.80 0.61 -1.06
C LEU A 446 17.44 1.10 -1.43
N PRO A 447 17.25 1.53 -2.70
CA PRO A 447 15.95 2.06 -3.05
C PRO A 447 14.82 1.05 -2.94
N CYS A 448 15.11 -0.22 -3.30
CA CYS A 448 14.11 -1.26 -3.18
C CYS A 448 13.65 -1.36 -1.75
N VAL A 449 14.61 -1.52 -0.83
CA VAL A 449 14.32 -1.79 0.58
C VAL A 449 13.63 -0.55 1.19
N GLU A 450 14.29 0.57 1.08
CA GLU A 450 13.74 1.74 1.69
C GLU A 450 12.33 2.10 1.20
N ASP A 451 12.12 2.11 -0.11
CA ASP A 451 10.78 2.46 -0.64
C ASP A 451 9.75 1.40 -0.21
N TYR A 452 10.16 0.13 -0.18
CA TYR A 452 9.25 -0.96 0.27
C TYR A 452 8.93 -0.78 1.76
N LEU A 453 9.92 -0.41 2.57
CA LEU A 453 9.65 -0.27 4.01
C LEU A 453 8.68 0.88 4.23
N SER A 454 8.69 1.91 3.39
CA SER A 454 7.67 2.94 3.53
C SER A 454 6.24 2.41 3.47
N VAL A 455 5.94 1.52 2.53
CA VAL A 455 4.56 1.08 2.39
C VAL A 455 4.13 0.12 3.50
N VAL A 456 5.09 -0.68 3.97
CA VAL A 456 4.86 -1.61 5.05
C VAL A 456 4.68 -0.84 6.34
N LEU A 457 5.54 0.15 6.63
CA LEU A 457 5.28 0.94 7.85
C LEU A 457 3.97 1.71 7.70
N ASN A 458 3.61 2.18 6.50
CA ASN A 458 2.36 2.92 6.44
C ASN A 458 1.19 2.00 6.78
N ARG A 459 1.30 0.72 6.41
CA ARG A 459 0.20 -0.23 6.70
C ARG A 459 0.07 -0.33 8.23
N LEU A 460 1.21 -0.43 8.90
CA LEU A 460 1.20 -0.47 10.41
C LEU A 460 0.50 0.85 10.93
N CYS A 461 0.92 2.01 10.38
CA CYS A 461 0.32 3.28 10.85
C CYS A 461 -1.19 3.33 10.63
N VAL A 462 -1.67 2.85 9.46
CA VAL A 462 -3.10 2.92 9.17
C VAL A 462 -3.89 1.93 10.03
N LEU A 463 -3.34 0.72 10.24
CA LEU A 463 -3.96 -0.24 11.17
C LEU A 463 -4.04 0.26 12.60
N HIS A 464 -3.04 1.00 13.02
CA HIS A 464 -2.95 1.51 14.41
C HIS A 464 -3.79 2.78 14.63
N GLU A 465 -3.99 3.54 13.54
CA GLU A 465 -4.65 4.84 13.56
C GLU A 465 -6.03 4.80 14.21
N LYS A 466 -6.77 3.73 13.91
CA LYS A 466 -8.12 3.65 14.30
C LYS A 466 -8.28 3.33 15.77
N THR A 467 -7.48 2.41 16.28
CA THR A 467 -7.54 2.07 17.71
C THR A 467 -6.14 2.33 18.24
N PRO A 468 -5.70 3.59 18.50
CA PRO A 468 -4.31 3.77 18.94
C PRO A 468 -4.08 3.08 20.30
N VAL A 469 -2.97 2.34 20.43
CA VAL A 469 -2.71 1.61 21.71
C VAL A 469 -1.26 1.82 22.14
N SER A 470 -0.40 2.14 21.17
CA SER A 470 1.03 2.35 21.50
C SER A 470 1.41 3.80 21.19
N GLU A 471 2.02 4.49 22.15
CA GLU A 471 2.45 5.92 21.94
CA GLU A 471 2.52 5.90 22.01
C GLU A 471 3.62 6.30 20.97
N LYS A 472 4.57 5.35 20.94
CA LYS A 472 5.74 5.40 20.04
C LYS A 472 5.26 5.25 18.60
N VAL A 473 4.31 4.33 18.37
CA VAL A 473 3.74 4.12 17.00
C VAL A 473 3.00 5.39 16.58
N THR A 474 2.23 5.97 17.50
CA THR A 474 1.48 7.22 17.21
C THR A 474 2.48 8.33 16.90
N LYS A 475 3.56 8.41 17.67
CA LYS A 475 4.60 9.44 17.45
C LYS A 475 5.29 9.20 16.10
N CYS A 476 5.78 7.98 15.86
CA CYS A 476 6.50 7.71 14.61
C CYS A 476 5.55 7.90 13.43
N CYS A 477 4.29 7.52 13.58
CA CYS A 477 3.35 7.58 12.45
C CYS A 477 2.87 9.02 12.16
N SER A 478 2.93 9.84 13.18
CA SER A 478 2.32 11.17 13.06
CA SER A 478 2.32 11.15 13.01
C SER A 478 3.34 12.25 12.86
N GLU A 479 4.58 12.01 13.27
CA GLU A 479 5.55 13.08 13.20
C GLU A 479 6.05 13.42 11.80
N SER A 480 5.98 12.47 10.87
CA SER A 480 6.50 12.68 9.52
CA SER A 480 6.49 12.72 9.51
C SER A 480 5.97 11.62 8.64
N LEU A 481 6.23 11.81 7.37
CA LEU A 481 6.11 10.76 6.50
C LEU A 481 7.51 10.27 6.27
N VAL A 482 8.43 11.21 5.99
CA VAL A 482 9.69 10.75 5.45
C VAL A 482 10.65 10.19 6.49
N ASP A 483 10.45 10.51 7.76
CA ASP A 483 11.32 10.02 8.83
C ASP A 483 10.80 8.81 9.54
N ARG A 484 9.72 8.23 9.02
CA ARG A 484 9.08 7.09 9.71
C ARG A 484 10.03 5.91 9.88
N ARG A 485 10.78 5.54 8.84
CA ARG A 485 11.65 4.41 8.95
C ARG A 485 12.78 4.63 9.97
N PRO A 486 13.55 5.78 9.89
CA PRO A 486 14.51 6.02 10.99
C PRO A 486 13.83 6.08 12.37
N CYS A 487 12.63 6.65 12.47
CA CYS A 487 11.93 6.78 13.76
C CYS A 487 11.69 5.34 14.32
N PHE A 488 11.15 4.44 13.49
CA PHE A 488 10.93 3.04 13.95
C PHE A 488 12.26 2.25 14.23
N SER A 489 13.22 2.39 13.30
CA SER A 489 14.60 1.87 13.49
C SER A 489 15.21 2.17 14.85
N ALA A 490 15.02 3.36 15.33
CA ALA A 490 15.71 3.80 16.52
C ALA A 490 15.08 3.25 17.80
N LEU A 491 13.87 2.71 17.73
CA LEU A 491 13.14 2.18 18.88
C LEU A 491 13.90 0.97 19.39
N GLY A 492 14.27 1.04 20.66
CA GLY A 492 14.84 -0.15 21.33
C GLY A 492 13.69 -0.94 21.92
N PRO A 493 14.02 -1.98 22.74
CA PRO A 493 12.92 -2.68 23.40
C PRO A 493 12.17 -1.74 24.36
N ASP A 494 10.87 -1.91 24.48
CA ASP A 494 10.14 -0.97 25.26
C ASP A 494 10.35 -1.42 26.73
N GLU A 495 11.14 -0.75 27.52
CA GLU A 495 11.32 -1.39 28.87
C GLU A 495 10.20 -0.99 29.90
N THR A 496 9.25 -0.10 29.45
CA THR A 496 8.02 0.40 30.15
C THR A 496 6.77 -0.50 30.20
N TYR A 497 6.56 -1.27 29.13
CA TYR A 497 5.49 -2.23 28.97
C TYR A 497 5.47 -3.24 30.14
N VAL A 498 4.29 -3.48 30.71
CA VAL A 498 4.14 -4.50 31.75
C VAL A 498 3.82 -5.81 31.05
N PRO A 499 4.62 -6.90 31.27
CA PRO A 499 4.35 -8.15 30.53
C PRO A 499 3.01 -8.72 30.82
N LYS A 500 2.44 -9.47 29.89
CA LYS A 500 1.16 -10.12 30.14
C LYS A 500 1.34 -11.36 30.92
N GLU A 501 0.42 -11.64 31.85
CA GLU A 501 0.38 -12.95 32.51
C GLU A 501 -0.19 -14.05 31.60
N PHE A 502 -0.02 -15.30 32.04
CA PHE A 502 -0.26 -16.48 31.23
C PHE A 502 -1.73 -16.97 31.08
N ASN A 503 -2.20 -16.88 29.84
CA ASN A 503 -3.52 -17.35 29.38
C ASN A 503 -3.43 -18.84 28.98
N ALA A 504 -4.21 -19.71 29.64
CA ALA A 504 -4.37 -21.11 29.20
C ALA A 504 -4.92 -21.12 27.77
N GLU A 505 -5.98 -20.35 27.54
CA GLU A 505 -6.72 -20.32 26.26
C GLU A 505 -5.96 -19.87 25.01
N THR A 506 -4.72 -19.37 25.15
CA THR A 506 -3.96 -18.86 23.99
C THR A 506 -3.44 -19.98 23.05
N PHE A 507 -3.07 -21.14 23.60
CA PHE A 507 -2.43 -22.21 22.80
C PHE A 507 -3.35 -23.34 22.24
N THR A 508 -4.62 -23.36 22.67
CA THR A 508 -5.61 -24.29 22.11
C THR A 508 -6.73 -23.47 21.47
N PHE A 509 -6.93 -23.74 20.17
CA PHE A 509 -7.94 -23.13 19.26
C PHE A 509 -8.91 -24.22 18.80
N HIS A 510 -9.25 -25.14 19.71
CA HIS A 510 -10.14 -26.30 19.40
C HIS A 510 -9.52 -27.19 18.31
N ALA A 511 -10.31 -27.57 17.30
CA ALA A 511 -9.81 -28.44 16.21
C ALA A 511 -9.72 -27.67 14.88
N ASP A 512 -10.38 -26.52 14.78
CA ASP A 512 -10.47 -25.83 13.48
C ASP A 512 -9.06 -25.66 12.93
N ILE A 513 -8.07 -25.67 13.81
CA ILE A 513 -6.66 -25.48 13.41
C ILE A 513 -6.20 -26.63 12.52
N CYS A 514 -6.62 -27.86 12.87
CA CYS A 514 -6.30 -29.09 12.09
C CYS A 514 -6.71 -29.01 10.61
N THR A 515 -7.63 -28.09 10.29
CA THR A 515 -8.19 -27.90 8.94
C THR A 515 -7.39 -26.91 8.05
N LEU A 516 -6.36 -26.27 8.62
CA LEU A 516 -5.66 -25.14 7.97
C LEU A 516 -4.49 -25.52 7.01
N PRO A 517 -4.40 -24.84 5.83
CA PRO A 517 -3.24 -25.08 4.94
C PRO A 517 -1.88 -24.62 5.59
N GLU A 518 -0.77 -25.04 5.00
CA GLU A 518 0.58 -24.78 5.58
C GLU A 518 0.83 -23.32 5.97
N THR A 519 0.48 -22.42 5.05
CA THR A 519 0.53 -20.99 5.23
C THR A 519 -0.19 -20.49 6.50
N GLU A 520 -1.39 -21.03 6.78
CA GLU A 520 -2.14 -20.63 7.95
C GLU A 520 -1.55 -21.25 9.20
N ARG A 521 -1.07 -22.50 9.13
CA ARG A 521 -0.38 -23.09 10.31
C ARG A 521 0.79 -22.20 10.78
N LYS A 522 1.63 -21.75 9.83
CA LYS A 522 2.75 -20.83 10.12
C LYS A 522 2.26 -19.54 10.76
N ILE A 523 1.18 -18.95 10.22
CA ILE A 523 0.52 -17.79 10.89
C ILE A 523 0.18 -18.10 12.35
N LYS A 524 -0.34 -19.30 12.63
CA LYS A 524 -0.68 -19.68 13.99
C LYS A 524 0.50 -19.82 14.90
N LYS A 525 1.55 -20.43 14.41
CA LYS A 525 2.85 -20.49 15.10
C LYS A 525 3.37 -19.10 15.38
N GLN A 526 3.24 -18.21 14.41
CA GLN A 526 3.81 -16.85 14.52
C GLN A 526 3.01 -16.03 15.53
N THR A 527 1.71 -16.33 15.61
CA THR A 527 0.83 -15.71 16.59
C THR A 527 1.19 -16.10 18.01
N ALA A 528 1.50 -17.37 18.18
CA ALA A 528 1.91 -17.94 19.48
C ALA A 528 3.26 -17.33 19.90
N LEU A 529 4.19 -17.21 18.96
CA LEU A 529 5.45 -16.55 19.20
C LEU A 529 5.27 -15.13 19.70
N VAL A 530 4.36 -14.36 19.08
CA VAL A 530 4.16 -12.98 19.50
C VAL A 530 3.62 -12.99 20.97
N GLU A 531 2.67 -13.89 21.22
CA GLU A 531 2.05 -14.00 22.53
C GLU A 531 3.09 -14.44 23.58
N LEU A 532 4.03 -15.30 23.21
CA LEU A 532 5.14 -15.74 24.16
C LEU A 532 6.04 -14.57 24.49
N VAL A 533 6.35 -13.75 23.45
CA VAL A 533 7.16 -12.57 23.62
C VAL A 533 6.46 -11.54 24.50
N LYS A 534 5.15 -11.36 24.29
CA LYS A 534 4.37 -10.42 25.10
C LYS A 534 4.35 -10.86 26.61
N HIS A 535 4.32 -12.18 26.81
CA HIS A 535 4.40 -12.76 28.16
C HIS A 535 5.81 -12.71 28.81
N LYS A 536 6.86 -12.93 27.99
CA LYS A 536 8.25 -13.06 28.43
C LYS A 536 9.16 -12.33 27.49
N PRO A 537 9.13 -10.99 27.52
CA PRO A 537 9.99 -10.24 26.62
C PRO A 537 11.48 -10.39 26.82
N HIS A 538 11.92 -11.04 27.91
CA HIS A 538 13.32 -11.18 28.17
C HIS A 538 13.79 -12.58 27.90
N ALA A 539 12.94 -13.47 27.41
CA ALA A 539 13.38 -14.81 27.09
C ALA A 539 14.42 -14.80 25.96
N THR A 540 15.27 -15.84 25.92
CA THR A 540 16.28 -15.98 24.85
C THR A 540 15.61 -16.50 23.55
N ASN A 541 16.23 -16.19 22.40
CA ASN A 541 15.73 -16.72 21.11
C ASN A 541 15.55 -18.21 21.13
N ASP A 542 16.51 -18.92 21.73
CA ASP A 542 16.41 -20.36 21.87
C ASP A 542 15.28 -20.83 22.81
N GLN A 543 15.02 -20.12 23.90
CA GLN A 543 13.89 -20.46 24.78
C GLN A 543 12.59 -20.29 24.00
N LEU A 544 12.53 -19.20 23.20
CA LEU A 544 11.33 -18.91 22.40
C LEU A 544 11.05 -20.02 21.44
N LYS A 545 12.07 -20.34 20.65
CA LYS A 545 12.04 -21.40 19.65
C LYS A 545 11.58 -22.73 20.25
N THR A 546 12.01 -23.02 21.46
CA THR A 546 11.74 -24.29 22.09
C THR A 546 10.25 -24.44 22.34
N VAL A 547 9.69 -23.40 22.98
CA VAL A 547 8.26 -23.41 23.33
C VAL A 547 7.40 -23.39 22.07
N VAL A 548 7.89 -22.77 20.99
CA VAL A 548 7.21 -22.89 19.67
C VAL A 548 7.39 -24.29 19.11
N GLY A 549 8.56 -24.87 19.31
CA GLY A 549 8.84 -26.24 18.84
C GLY A 549 7.82 -27.18 19.46
N GLU A 550 7.48 -26.88 20.69
CA GLU A 550 6.49 -27.65 21.43
C GLU A 550 5.04 -27.25 21.10
N PHE A 551 4.86 -26.10 20.47
CA PHE A 551 3.61 -25.77 19.78
C PHE A 551 3.53 -26.60 18.48
N THR A 552 4.58 -26.59 17.65
CA THR A 552 4.76 -27.51 16.50
C THR A 552 4.39 -28.99 16.81
N ALA A 553 4.72 -29.48 18.01
CA ALA A 553 4.39 -30.85 18.46
C ALA A 553 2.90 -31.08 18.75
N LEU A 554 2.32 -30.24 19.62
CA LEU A 554 0.89 -30.37 20.04
C LEU A 554 0.00 -30.23 18.82
N LEU A 555 0.52 -29.58 17.78
CA LEU A 555 -0.17 -29.42 16.51
C LEU A 555 -0.07 -30.72 15.72
N ASP A 556 1.15 -31.19 15.49
CA ASP A 556 1.38 -32.43 14.75
C ASP A 556 0.72 -33.61 15.42
N LYS A 557 0.77 -33.62 16.76
CA LYS A 557 0.17 -34.64 17.64
C LYS A 557 -1.33 -34.85 17.42
N CYS A 558 -2.13 -33.86 17.78
CA CYS A 558 -3.59 -33.94 17.65
C CYS A 558 -4.03 -34.10 16.18
N CYS A 559 -3.26 -33.53 15.25
CA CYS A 559 -3.54 -33.69 13.81
C CYS A 559 -2.84 -34.90 13.16
N SER A 560 -2.27 -35.74 14.03
CA SER A 560 -1.75 -37.08 13.67
C SER A 560 -2.69 -38.09 14.35
N ALA A 561 -3.21 -37.71 15.52
CA ALA A 561 -4.10 -38.51 16.40
C ALA A 561 -5.56 -38.57 15.92
N GLU A 562 -6.19 -39.72 16.19
CA GLU A 562 -7.60 -40.01 15.85
C GLU A 562 -8.52 -39.05 16.61
N ASP A 563 -8.27 -38.86 17.91
CA ASP A 563 -9.10 -37.91 18.70
C ASP A 563 -8.17 -36.78 19.11
N LYS A 564 -8.24 -35.66 18.38
CA LYS A 564 -7.41 -34.47 18.70
C LYS A 564 -7.88 -33.92 20.05
N GLU A 565 -9.20 -33.91 20.25
CA GLU A 565 -9.84 -33.34 21.45
C GLU A 565 -9.27 -33.88 22.77
N ALA A 566 -9.13 -35.21 22.84
CA ALA A 566 -8.55 -35.93 23.97
C ALA A 566 -7.04 -35.71 24.07
N CYS A 567 -6.39 -35.52 22.92
CA CYS A 567 -5.00 -35.07 22.84
C CYS A 567 -4.83 -33.66 23.46
N PHE A 568 -5.85 -32.81 23.32
CA PHE A 568 -5.92 -31.46 23.94
C PHE A 568 -5.92 -31.37 25.48
N ALA A 569 -6.73 -32.21 26.14
CA ALA A 569 -6.72 -32.34 27.60
C ALA A 569 -5.36 -32.81 28.13
N VAL A 570 -4.73 -33.74 27.39
CA VAL A 570 -3.40 -34.33 27.70
C VAL A 570 -2.20 -33.37 27.39
N GLU A 571 -2.25 -32.65 26.27
CA GLU A 571 -1.06 -31.80 25.96
C GLU A 571 -1.29 -30.30 26.20
N GLY A 572 -2.54 -29.81 26.17
CA GLY A 572 -2.70 -28.35 26.26
C GLY A 572 -2.20 -27.71 27.55
N PRO A 573 -2.58 -28.22 28.74
CA PRO A 573 -2.10 -27.64 30.01
C PRO A 573 -0.62 -27.93 30.18
N LYS A 574 -0.24 -29.15 29.78
CA LYS A 574 1.15 -29.73 29.83
C LYS A 574 2.15 -28.81 29.09
N LEU A 575 1.61 -28.07 28.13
CA LEU A 575 2.34 -27.03 27.48
C LEU A 575 2.44 -25.83 28.43
N VAL A 576 1.36 -25.50 29.18
CA VAL A 576 1.44 -24.53 30.33
C VAL A 576 2.67 -24.87 31.21
N GLU A 577 2.78 -26.16 31.53
CA GLU A 577 3.87 -26.78 32.28
C GLU A 577 5.28 -26.67 31.63
N SER A 578 5.47 -27.26 30.43
CA SER A 578 6.79 -27.29 29.76
C SER A 578 7.32 -25.88 29.44
N SER A 579 6.38 -24.96 29.17
CA SER A 579 6.62 -23.52 29.00
C SER A 579 7.17 -22.85 30.25
N LYS A 580 6.61 -23.20 31.42
CA LYS A 580 7.14 -22.76 32.73
C LYS A 580 8.57 -23.27 32.95
N ALA A 581 8.77 -24.56 32.67
CA ALA A 581 10.09 -25.20 32.71
C ALA A 581 11.10 -24.44 31.83
N THR A 582 10.73 -24.14 30.57
CA THR A 582 11.62 -23.45 29.63
C THR A 582 11.77 -21.94 29.92
N LEU A 583 10.70 -21.24 30.25
CA LEU A 583 10.79 -19.80 30.37
C LEU A 583 10.72 -19.24 31.80
N GLY A 584 10.29 -20.08 32.74
CA GLY A 584 10.14 -19.62 34.11
C GLY A 584 8.77 -19.00 34.40
C10 9KL B . 13.48 -5.12 9.82
O13 9KL B . 16.23 -2.63 6.78
C01 9KL B . 12.91 -0.26 10.18
C02 9KL B . 12.91 -1.60 10.92
C03 9KL B . 13.69 -1.56 12.21
C06 9KL B . 13.40 -2.75 10.09
C07 9KL B . 14.21 -2.57 8.95
C08 9KL B . 14.65 -3.68 8.26
C09 9KL B . 14.27 -4.95 8.70
C11 9KL B . 13.05 -4.02 10.52
C12 9KL B . 15.48 -3.58 7.00
C14 9KL B . 15.32 -4.71 5.99
C15 9KL B . 14.10 -5.40 5.91
C16 9KL B . 13.92 -6.45 5.04
C17 9KL B . 15.00 -6.83 4.23
C18 9KL B . 16.21 -6.16 4.30
C19 9KL B . 16.37 -5.09 5.18
O04 9KL B . 14.70 -2.32 12.37
O05 9KL B . 13.28 -0.83 13.13
C10 9KL C . 17.29 -13.95 15.93
O13 9KL C . 15.31 -17.70 14.00
C01 9KL C . 20.65 -17.00 16.76
C02 9KL C . 20.22 -16.42 15.43
C03 9KL C . 21.26 -15.44 14.91
C06 9KL C . 18.81 -15.81 15.51
C07 9KL C . 17.71 -16.63 15.26
C08 9KL C . 16.40 -16.13 15.35
C09 9KL C . 16.20 -14.79 15.68
C11 9KL C . 18.59 -14.47 15.85
C12 9KL C . 15.24 -17.06 15.03
C14 9KL C . 14.02 -17.26 15.94
C15 9KL C . 13.83 -16.49 17.09
C16 9KL C . 12.72 -16.71 17.90
C17 9KL C . 11.78 -17.70 17.56
C18 9KL C . 11.94 -18.47 16.42
C19 9KL C . 13.06 -18.23 15.61
O04 9KL C . 21.27 -14.23 15.27
O05 9KL C . 22.15 -15.84 14.09
C ACT D . 3.48 7.75 -8.33
O ACT D . 3.87 6.57 -8.32
OXT ACT D . 2.44 8.14 -7.77
CH3 ACT D . 4.35 8.79 -9.05
C ACT E . -0.21 6.43 -13.38
O ACT E . 0.70 6.83 -12.64
OXT ACT E . -1.25 5.89 -12.91
CH3 ACT E . -0.07 6.58 -14.87
C ACT F . 2.98 -6.74 1.15
O ACT F . 4.03 -6.70 0.48
OXT ACT F . 2.37 -7.83 1.38
CH3 ACT F . 2.45 -5.44 1.71
C ACT G . -1.67 7.34 15.03
O ACT G . -0.97 7.98 14.22
OXT ACT G . -1.43 6.17 15.36
CH3 ACT G . -2.87 8.04 15.66
C ACT H . 21.37 -8.14 12.33
O ACT H . 22.32 -8.50 11.61
OXT ACT H . 20.52 -7.29 11.99
CH3 ACT H . 21.23 -8.78 13.72
C1 PGE I . -5.52 -8.86 -3.78
O1 PGE I . -4.86 -8.83 -2.51
C2 PGE I . -4.72 -9.74 -4.71
O2 PGE I . -5.60 -10.56 -5.47
C3 PGE I . -5.36 -10.39 -6.87
C4 PGE I . -5.38 -11.73 -7.58
O4 PGE I . -5.89 -16.43 -6.74
C6 PGE I . -5.40 -15.18 -6.24
C5 PGE I . -5.78 -14.07 -7.22
O3 PGE I . -5.53 -12.79 -6.63
OH POG J . 7.20 16.88 2.81
C2 POG J . 8.13 17.03 1.75
C1 POG J . 9.12 15.90 1.82
C3 POG J . 8.82 18.38 1.89
O2 POG J . 9.47 18.67 0.65
C5 POG J . 10.14 19.93 0.64
C8 POG J . 5.50 24.44 -8.97
O4 POG J . 6.48 24.13 -7.97
C9 POG J . 6.75 22.74 -7.85
C10 POG J . 5.57 22.03 -7.22
O5 POG J . 5.97 20.69 -6.89
C11 POG J . 5.18 20.11 -5.88
C12 POG J . 5.47 20.80 -4.56
O6 POG J . 6.83 20.56 -4.22
C13 POG J . 7.11 20.81 -2.85
C14 POG J . 8.57 20.53 -2.59
O7 POG J . 8.78 20.58 -1.17
C15 POG J . 10.14 20.39 -0.79
C16 POG J . 11.54 19.74 1.14
C17 POG J . 9.45 21.56 -3.24
C18 POG J . 4.60 20.28 -3.46
C19 POG J . 4.41 21.93 -8.15
O1 2J3 K . -23.52 -6.74 -13.04
O2 2J3 K . -20.11 -7.46 -13.59
C3 2J3 K . -22.24 -7.09 -12.58
O3 2J3 K . -16.98 -6.55 -15.04
C4 2J3 K . -21.20 -6.56 -13.54
C5 2J3 K . -19.19 -7.15 -14.61
C16 2J3 K . -22.04 -6.51 -11.22
C15 2J3 K . -18.85 -8.38 -15.40
C6 2J3 K . -17.93 -6.60 -13.98
O1 2J3 L . -13.40 -4.77 -16.85
O2 2J3 L . -12.43 -7.33 -16.68
C3 2J3 L . -14.23 -5.81 -16.36
O3 2J3 L . -14.81 -8.65 -17.24
C4 2J3 L . -13.39 -6.91 -15.72
O4 2J3 L . -15.51 -10.19 -20.01
C5 2J3 L . -12.43 -8.74 -16.94
C16 2J3 L . -15.23 -5.26 -15.40
C15 2J3 L . -11.13 -9.03 -17.61
C6 2J3 L . -13.60 -9.08 -17.84
C7 2J3 L . -15.94 -8.76 -18.10
C14 2J3 L . -17.17 -8.47 -17.30
C8 2J3 L . -15.98 -10.17 -18.67
#